data_9KFE
#
_entry.id   9KFE
#
_cell.length_a   77.133
_cell.length_b   77.133
_cell.length_c   284.664
_cell.angle_alpha   90.000
_cell.angle_beta   90.000
_cell.angle_gamma   120.000
#
_symmetry.space_group_name_H-M   'P 65 2 2'
#
loop_
_entity.id
_entity.type
_entity.pdbx_description
1 polymer 'Mitofusin FZO1,Mitofusin FZO1,Fzo1'
2 non-polymer "GUANOSINE-5'-TRIPHOSPHATE"
3 non-polymer 'MAGNESIUM ION'
4 non-polymer 'POTASSIUM ION'
5 water water
#
_entity_poly.entity_id   1
_entity_poly.type   'polypeptide(L)'
_entity_poly.pdbx_seq_one_letter_code
;MGSSHHHHHHSSGLEVLFQGPHMGGSMISSQLSQWNYNNNRVLLKRSILKTQAFMDQLQEENNIRPIFIAANDEREKLHV
LQLNGGSGGGSNIEKKALSKLFHSQIVSVTNHLNALKKRVDDVSSKVFITGDVNTGKSALCNSLLKQRLLPEDQLPCTNV
FSEILEARENDGIEEVHAIPLNIAPTLKEAIDMYSIQNPKTYEIHTLKELPDLVPQNGKYALLKIYIKDDKRPASTSLLR
NGTVDISLIDSPGLNMDSLQTAEVMSRQEEIDLVIFVVNAENQLTLSAKEFISLASREKKLMFFVVKKFDKIRDKQRCKE
LILKQIRDLSPETYKRAADFVHFVSKNGDELPHYHNENDNEDHGDRKPDDDPYSSSDPDPDFDSLEDSLRNFVLKKRSLS
KLLPAKTYLSKLLSDIIMISKSNMKMYSEEGSGSGSGGSTKKELENKKESNLLSIKFFQSLYEGTVAQKLMVEEINLDID
;
_entity_poly.pdbx_strand_id   A
#
loop_
_chem_comp.id
_chem_comp.type
_chem_comp.name
_chem_comp.formula
GTP non-polymer GUANOSINE-5'-TRIPHOSPHATE 'C10 H16 N5 O14 P3'
K non-polymer 'POTASSIUM ION' 'K 1'
MG non-polymer 'MAGNESIUM ION' 'Mg 2'
#
# COMPACT_ATOMS: atom_id res chain seq x y z
N SER A 29 -24.73 -4.11 14.74
CA SER A 29 -24.13 -5.38 14.33
C SER A 29 -22.62 -5.25 14.15
N SER A 30 -22.02 -4.27 14.84
CA SER A 30 -20.58 -4.07 14.74
C SER A 30 -19.81 -5.31 15.20
N GLN A 31 -20.35 -6.05 16.17
CA GLN A 31 -19.71 -7.29 16.60
C GLN A 31 -19.62 -8.29 15.46
N LEU A 32 -20.61 -8.31 14.57
CA LEU A 32 -20.57 -9.22 13.43
C LEU A 32 -19.36 -8.95 12.55
N SER A 33 -19.02 -7.67 12.36
CA SER A 33 -17.84 -7.33 11.57
C SER A 33 -16.57 -7.88 12.22
N GLN A 34 -16.45 -7.75 13.54
CA GLN A 34 -15.28 -8.27 14.24
C GLN A 34 -15.12 -9.76 14.00
N TRP A 35 -16.20 -10.53 14.21
N TRP A 35 -16.20 -10.53 14.21
CA TRP A 35 -16.14 -11.97 14.02
CA TRP A 35 -16.13 -11.97 14.02
C TRP A 35 -15.78 -12.31 12.58
C TRP A 35 -15.78 -12.31 12.58
N ASN A 36 -16.42 -11.65 11.62
CA ASN A 36 -16.12 -11.90 10.21
C ASN A 36 -14.68 -11.59 9.89
N TYR A 37 -14.15 -10.50 10.46
CA TYR A 37 -12.75 -10.15 10.22
C TYR A 37 -11.82 -11.19 10.83
N ASN A 38 -12.09 -11.60 12.06
CA ASN A 38 -11.23 -12.58 12.71
C ASN A 38 -11.36 -13.95 12.06
N ASN A 39 -12.54 -14.28 11.52
CA ASN A 39 -12.69 -15.54 10.80
C ASN A 39 -11.98 -15.47 9.45
N ASN A 40 -12.19 -14.39 8.70
CA ASN A 40 -11.52 -14.24 7.42
C ASN A 40 -10.01 -14.12 7.60
N ARG A 41 -9.57 -13.38 8.62
CA ARG A 41 -8.15 -13.26 8.90
C ARG A 41 -7.54 -14.64 9.18
N VAL A 42 -8.27 -15.49 9.91
CA VAL A 42 -7.78 -16.84 10.17
C VAL A 42 -7.68 -17.62 8.88
N LEU A 43 -8.62 -17.43 7.96
CA LEU A 43 -8.65 -18.20 6.73
C LEU A 43 -7.47 -17.84 5.83
N LEU A 44 -7.08 -16.57 5.80
CA LEU A 44 -6.01 -16.13 4.90
C LEU A 44 -4.64 -16.53 5.41
N LYS A 45 -4.41 -16.43 6.72
CA LYS A 45 -3.15 -16.88 7.29
C LYS A 45 -2.89 -18.34 6.93
N ARG A 46 -3.95 -19.17 6.97
CA ARG A 46 -3.80 -20.57 6.58
C ARG A 46 -3.44 -20.70 5.11
N SER A 47 -4.03 -19.85 4.25
CA SER A 47 -3.79 -19.95 2.82
C SER A 47 -2.39 -19.45 2.46
N ILE A 48 -1.92 -18.39 3.13
CA ILE A 48 -0.57 -17.92 2.89
C ILE A 48 0.44 -18.99 3.27
N LEU A 49 0.14 -19.76 4.32
CA LEU A 49 1.00 -20.87 4.71
C LEU A 49 1.10 -21.90 3.60
N LYS A 50 -0.04 -22.45 3.17
CA LYS A 50 -0.03 -23.50 2.17
C LYS A 50 0.53 -23.02 0.84
N THR A 51 0.29 -21.75 0.50
CA THR A 51 0.84 -21.23 -0.75
C THR A 51 2.36 -21.05 -0.63
N GLN A 52 2.83 -20.55 0.51
CA GLN A 52 4.27 -20.48 0.74
C GLN A 52 4.91 -21.85 0.60
N ALA A 53 4.23 -22.89 1.08
CA ALA A 53 4.72 -24.25 0.88
C ALA A 53 4.82 -24.56 -0.61
N PHE A 54 3.76 -24.26 -1.37
CA PHE A 54 3.80 -24.45 -2.81
C PHE A 54 4.98 -23.71 -3.43
N MET A 55 5.15 -22.43 -3.05
CA MET A 55 6.28 -21.65 -3.54
C MET A 55 7.60 -22.39 -3.35
N ASP A 56 7.73 -23.12 -2.25
CA ASP A 56 9.00 -23.77 -1.93
C ASP A 56 9.22 -25.02 -2.78
N GLN A 57 8.20 -25.88 -2.88
CA GLN A 57 8.34 -27.08 -3.70
C GLN A 57 8.60 -26.72 -5.16
N LEU A 58 8.15 -25.55 -5.59
CA LEU A 58 8.54 -25.05 -6.91
C LEU A 58 10.02 -24.69 -6.94
N GLN A 59 10.53 -24.11 -5.86
CA GLN A 59 11.92 -23.70 -5.81
C GLN A 59 12.85 -24.91 -5.83
N GLU A 60 12.56 -25.93 -5.02
CA GLU A 60 13.38 -27.12 -5.01
C GLU A 60 13.30 -27.86 -6.35
N GLU A 61 12.09 -27.99 -6.89
CA GLU A 61 11.93 -28.58 -8.21
C GLU A 61 12.79 -27.87 -9.25
N ASN A 62 12.72 -26.54 -9.27
CA ASN A 62 13.47 -25.78 -10.26
C ASN A 62 14.97 -26.05 -10.16
N ASN A 63 15.48 -26.27 -8.95
CA ASN A 63 16.92 -26.38 -8.77
C ASN A 63 17.46 -27.69 -9.33
N ILE A 64 16.74 -28.79 -9.14
CA ILE A 64 17.25 -30.08 -9.58
C ILE A 64 16.95 -30.31 -11.06
N ARG A 65 15.77 -29.90 -11.53
CA ARG A 65 15.43 -29.94 -12.94
C ARG A 65 14.70 -28.64 -13.29
N PRO A 66 15.40 -27.67 -13.88
CA PRO A 66 14.75 -26.39 -14.21
C PRO A 66 13.39 -26.59 -14.87
N ILE A 67 12.46 -25.71 -14.55
CA ILE A 67 11.09 -25.79 -15.04
C ILE A 67 10.98 -25.07 -16.39
N PHE A 68 10.08 -25.57 -17.23
CA PHE A 68 9.83 -24.98 -18.54
C PHE A 68 8.68 -23.99 -18.45
N ILE A 69 8.85 -22.84 -19.11
CA ILE A 69 7.81 -21.81 -19.13
C ILE A 69 7.20 -21.68 -20.51
N GLU A 76 -2.23 -15.01 -22.94
CA GLU A 76 -1.68 -15.63 -21.74
C GLU A 76 -0.64 -14.72 -21.09
N LYS A 77 -0.95 -14.25 -19.88
CA LYS A 77 -0.06 -13.36 -19.15
C LYS A 77 -0.08 -13.74 -17.67
N LEU A 78 1.11 -13.96 -17.11
CA LEU A 78 1.21 -14.33 -15.70
C LEU A 78 1.08 -13.09 -14.82
N HIS A 79 0.14 -13.15 -13.87
CA HIS A 79 -0.22 -11.95 -13.12
C HIS A 79 0.88 -11.52 -12.16
N VAL A 80 1.59 -12.47 -11.56
CA VAL A 80 2.55 -12.18 -10.51
C VAL A 80 3.98 -12.47 -10.96
N LEU A 81 4.22 -13.68 -11.48
CA LEU A 81 5.56 -14.09 -11.87
C LEU A 81 5.91 -13.46 -13.22
N GLN A 82 6.91 -12.59 -13.22
CA GLN A 82 7.41 -11.98 -14.45
C GLN A 82 8.63 -12.78 -14.93
N LEU A 83 8.53 -13.33 -16.14
CA LEU A 83 9.59 -14.17 -16.66
C LEU A 83 9.67 -14.08 -18.19
N LYS A 96 19.32 -21.73 -18.85
CA LYS A 96 19.82 -21.40 -17.52
C LYS A 96 19.33 -20.02 -17.08
N ALA A 97 19.09 -19.14 -18.05
CA ALA A 97 18.67 -17.77 -17.72
C ALA A 97 17.34 -17.76 -16.99
N LEU A 98 16.36 -18.52 -17.49
CA LEU A 98 15.06 -18.57 -16.85
C LEU A 98 15.12 -19.25 -15.49
N SER A 99 16.07 -20.17 -15.31
CA SER A 99 16.20 -20.86 -14.02
C SER A 99 16.67 -19.91 -12.92
N LYS A 100 17.64 -19.04 -13.23
CA LYS A 100 18.14 -18.10 -12.24
C LYS A 100 17.17 -16.94 -12.03
N LEU A 101 16.52 -16.47 -13.11
CA LEU A 101 15.47 -15.47 -12.94
C LEU A 101 14.29 -16.05 -12.18
N PHE A 102 13.95 -17.32 -12.45
CA PHE A 102 12.91 -17.98 -11.69
C PHE A 102 13.23 -17.97 -10.20
N HIS A 103 14.45 -18.35 -9.83
CA HIS A 103 14.85 -18.33 -8.43
C HIS A 103 14.73 -16.92 -7.86
N SER A 104 15.05 -15.91 -8.66
CA SER A 104 14.88 -14.53 -8.19
C SER A 104 13.41 -14.18 -8.01
N GLN A 105 12.54 -14.73 -8.86
CA GLN A 105 11.11 -14.43 -8.77
C GLN A 105 10.50 -15.04 -7.52
N ILE A 106 10.76 -16.32 -7.28
CA ILE A 106 10.21 -16.97 -6.08
C ILE A 106 10.68 -16.26 -4.82
N VAL A 107 11.93 -15.82 -4.80
CA VAL A 107 12.44 -15.12 -3.63
C VAL A 107 11.66 -13.84 -3.38
N SER A 108 11.21 -13.19 -4.46
CA SER A 108 10.42 -11.97 -4.31
C SER A 108 9.02 -12.31 -3.80
N VAL A 109 8.38 -13.31 -4.39
CA VAL A 109 7.05 -13.72 -3.93
C VAL A 109 7.12 -14.18 -2.48
N THR A 110 8.16 -14.94 -2.12
CA THR A 110 8.33 -15.33 -0.73
C THR A 110 8.45 -14.11 0.17
N ASN A 111 9.15 -13.08 -0.29
CA ASN A 111 9.28 -11.86 0.51
C ASN A 111 7.97 -11.09 0.56
N HIS A 112 7.16 -11.18 -0.49
CA HIS A 112 5.87 -10.49 -0.53
C HIS A 112 4.84 -11.20 0.34
N LEU A 113 4.80 -12.54 0.28
CA LEU A 113 3.89 -13.29 1.15
C LEU A 113 4.19 -13.02 2.61
N ASN A 114 5.47 -12.86 2.96
CA ASN A 114 5.84 -12.53 4.34
C ASN A 114 5.21 -11.22 4.77
N ALA A 115 5.37 -10.17 3.97
CA ALA A 115 4.76 -8.89 4.29
C ALA A 115 3.25 -9.02 4.46
N LEU A 116 2.60 -9.76 3.55
CA LEU A 116 1.17 -9.99 3.68
C LEU A 116 0.86 -10.77 4.95
N LYS A 117 1.65 -11.81 5.24
CA LYS A 117 1.52 -12.51 6.51
C LYS A 117 1.66 -11.55 7.69
N LYS A 118 2.63 -10.63 7.61
CA LYS A 118 2.84 -9.68 8.68
C LYS A 118 1.72 -8.64 8.75
N ARG A 119 1.12 -8.31 7.61
CA ARG A 119 0.02 -7.33 7.60
C ARG A 119 -1.26 -7.94 8.13
N VAL A 120 -1.58 -9.18 7.73
CA VAL A 120 -2.76 -9.85 8.25
C VAL A 120 -2.68 -9.97 9.76
N ASP A 121 -1.50 -10.34 10.28
CA ASP A 121 -1.33 -10.43 11.73
C ASP A 121 -1.47 -9.07 12.40
N ASP A 122 -0.89 -8.03 11.81
CA ASP A 122 -0.95 -6.71 12.41
C ASP A 122 -2.39 -6.24 12.51
N VAL A 123 -2.75 -5.73 13.69
CA VAL A 123 -4.10 -5.23 13.90
C VAL A 123 -4.29 -3.80 13.41
N SER A 124 -3.20 -3.09 13.13
CA SER A 124 -3.26 -1.70 12.71
C SER A 124 -3.41 -1.59 11.20
N SER A 125 -3.91 -0.44 10.77
CA SER A 125 -4.10 -0.13 9.35
C SER A 125 -3.14 0.99 8.96
N LYS A 126 -2.41 0.78 7.87
CA LYS A 126 -1.41 1.73 7.40
C LYS A 126 -1.86 2.31 6.06
N VAL A 127 -1.97 3.63 6.01
CA VAL A 127 -2.39 4.35 4.81
C VAL A 127 -1.16 4.95 4.14
N PHE A 128 -1.03 4.70 2.84
CA PHE A 128 0.14 5.15 2.06
C PHE A 128 -0.33 6.17 1.03
N ILE A 129 0.06 7.42 1.22
CA ILE A 129 -0.29 8.51 0.31
C ILE A 129 0.90 8.71 -0.62
N THR A 130 0.77 8.22 -1.85
CA THR A 130 1.82 8.35 -2.86
C THR A 130 1.25 9.03 -4.11
N GLY A 131 2.08 9.12 -5.12
CA GLY A 131 1.71 9.77 -6.37
C GLY A 131 2.93 10.41 -7.00
N ASP A 132 2.68 11.17 -8.07
CA ASP A 132 3.75 11.87 -8.75
C ASP A 132 4.31 12.99 -7.87
N VAL A 133 5.40 13.60 -8.33
CA VAL A 133 6.01 14.71 -7.61
C VAL A 133 5.16 15.96 -7.81
N ASN A 134 4.98 16.72 -6.72
CA ASN A 134 4.24 17.98 -6.77
C ASN A 134 2.78 17.77 -7.13
N THR A 135 2.19 16.65 -6.72
CA THR A 135 0.77 16.41 -6.93
C THR A 135 -0.09 16.79 -5.73
N GLY A 136 0.52 17.09 -4.59
CA GLY A 136 -0.21 17.39 -3.39
C GLY A 136 -0.35 16.25 -2.40
N LYS A 137 0.62 15.35 -2.34
CA LYS A 137 0.55 14.26 -1.37
C LYS A 137 0.61 14.80 0.05
N SER A 138 1.62 15.62 0.35
CA SER A 138 1.72 16.22 1.68
C SER A 138 0.55 17.15 1.96
N ALA A 139 0.05 17.83 0.94
CA ALA A 139 -1.09 18.73 1.13
C ALA A 139 -2.37 17.96 1.45
N LEU A 140 -2.46 16.70 1.01
CA LEU A 140 -3.62 15.88 1.34
C LEU A 140 -3.54 15.38 2.77
N CYS A 141 -2.34 15.04 3.24
CA CYS A 141 -2.18 14.61 4.62
C CYS A 141 -2.61 15.69 5.60
N ASN A 142 -2.11 16.91 5.41
CA ASN A 142 -2.50 18.02 6.29
C ASN A 142 -4.02 18.15 6.36
N SER A 143 -4.70 18.01 5.23
CA SER A 143 -6.16 18.04 5.23
C SER A 143 -6.71 16.95 6.15
N LEU A 144 -6.13 15.75 6.08
CA LEU A 144 -6.65 14.62 6.86
C LEU A 144 -6.40 14.83 8.35
N LEU A 145 -5.22 15.30 8.72
CA LEU A 145 -4.94 15.62 10.11
C LEU A 145 -5.56 16.94 10.55
N LYS A 146 -6.01 17.77 9.60
CA LYS A 146 -6.58 19.08 9.90
C LYS A 146 -5.56 19.97 10.61
N GLN A 147 -4.38 20.08 10.01
CA GLN A 147 -3.31 20.94 10.51
C GLN A 147 -2.12 20.88 9.56
N ARG A 148 -1.38 21.99 9.43
CA ARG A 148 -0.25 22.04 8.50
C ARG A 148 0.99 21.45 9.17
N LEU A 149 0.95 20.13 9.34
CA LEU A 149 2.07 19.42 9.97
C LEU A 149 3.21 19.19 8.98
N LEU A 150 2.89 18.64 7.81
CA LEU A 150 3.91 18.23 6.86
C LEU A 150 4.22 19.34 5.86
N PRO A 151 5.49 19.56 5.56
CA PRO A 151 5.86 20.66 4.65
C PRO A 151 5.19 20.51 3.30
N GLU A 152 4.58 21.60 2.83
CA GLU A 152 3.93 21.65 1.53
C GLU A 152 4.39 22.89 0.80
N ASP A 153 4.96 22.70 -0.38
CA ASP A 153 5.71 23.74 -1.09
C ASP A 153 5.47 23.61 -2.59
N GLN A 154 5.58 24.73 -3.28
CA GLN A 154 5.50 24.70 -4.74
C GLN A 154 6.57 23.80 -5.34
N LEU A 155 7.78 23.89 -4.81
CA LEU A 155 8.91 23.12 -5.31
C LEU A 155 9.03 21.79 -4.58
N PRO A 156 9.68 20.80 -5.21
CA PRO A 156 9.80 19.48 -4.57
C PRO A 156 10.27 19.58 -3.12
N CYS A 157 9.66 18.76 -2.26
CA CYS A 157 9.84 18.90 -0.83
C CYS A 157 10.16 17.58 -0.15
N THR A 158 9.19 16.66 -0.13
CA THR A 158 9.32 15.42 0.64
C THR A 158 10.28 14.48 -0.06
N ASN A 159 11.46 14.29 0.55
CA ASN A 159 12.42 13.30 0.09
C ASN A 159 12.50 12.07 0.99
N VAL A 160 12.03 12.19 2.23
CA VAL A 160 12.08 11.12 3.22
C VAL A 160 10.67 10.70 3.56
N PHE A 161 10.46 9.40 3.70
CA PHE A 161 9.16 8.90 4.12
C PHE A 161 8.78 9.50 5.47
N SER A 162 7.55 10.00 5.56
CA SER A 162 7.06 10.65 6.77
C SER A 162 5.89 9.84 7.31
N GLU A 163 6.12 9.12 8.41
CA GLU A 163 5.09 8.32 9.05
C GLU A 163 4.52 9.10 10.23
N ILE A 164 3.21 9.31 10.22
CA ILE A 164 2.51 10.06 11.26
C ILE A 164 1.73 9.08 12.12
N LEU A 165 2.03 9.04 13.41
CA LEU A 165 1.38 8.14 14.34
C LEU A 165 0.82 8.92 15.52
N GLU A 166 -0.07 8.27 16.27
CA GLU A 166 -0.58 8.85 17.50
C GLU A 166 0.46 8.72 18.60
N ALA A 167 0.55 9.75 19.44
CA ALA A 167 1.59 9.80 20.47
C ALA A 167 1.51 8.64 21.45
N ARG A 168 0.37 7.93 21.51
CA ARG A 168 0.24 6.83 22.45
C ARG A 168 1.36 5.80 22.29
N GLU A 169 1.86 5.62 21.06
CA GLU A 169 2.93 4.65 20.84
C GLU A 169 4.26 5.15 21.39
N ASN A 170 4.46 6.47 21.43
CA ASN A 170 5.69 7.04 21.97
C ASN A 170 5.45 7.70 23.32
N ASP A 171 4.80 6.97 24.23
CA ASP A 171 4.60 7.45 25.60
C ASP A 171 3.94 8.82 25.64
N GLY A 172 3.07 9.09 24.66
CA GLY A 172 2.33 10.35 24.64
C GLY A 172 3.19 11.58 24.51
N ILE A 173 4.29 11.51 23.76
CA ILE A 173 5.22 12.62 23.60
C ILE A 173 5.19 13.05 22.15
N GLU A 174 4.92 14.34 21.93
CA GLU A 174 4.89 14.90 20.57
C GLU A 174 6.30 15.25 20.14
N GLU A 175 6.87 14.45 19.25
CA GLU A 175 8.22 14.68 18.76
C GLU A 175 8.44 13.82 17.53
N VAL A 176 9.42 14.20 16.73
CA VAL A 176 9.81 13.46 15.54
C VAL A 176 10.95 12.52 15.90
N HIS A 177 10.94 11.32 15.31
CA HIS A 177 12.03 10.36 15.46
C HIS A 177 12.61 10.12 14.07
N ALA A 178 13.79 10.70 13.81
CA ALA A 178 14.48 10.49 12.54
C ALA A 178 15.33 9.24 12.64
N ILE A 179 15.18 8.35 11.66
CA ILE A 179 15.92 7.09 11.61
C ILE A 179 17.06 7.26 10.60
N PRO A 180 18.32 7.20 11.03
CA PRO A 180 19.42 7.44 10.09
C PRO A 180 19.58 6.30 9.10
N LEU A 181 20.02 6.66 7.89
CA LEU A 181 20.31 5.65 6.88
C LEU A 181 21.50 4.77 7.28
N ASN A 182 22.43 5.31 8.06
CA ASN A 182 23.68 4.64 8.35
C ASN A 182 23.60 3.63 9.49
N ILE A 183 22.40 3.33 10.00
CA ILE A 183 22.27 2.32 11.04
C ILE A 183 22.12 0.92 10.48
N ALA A 184 21.94 0.78 9.17
CA ALA A 184 21.75 -0.52 8.55
C ALA A 184 22.17 -0.42 7.09
N PRO A 185 22.31 -1.56 6.40
CA PRO A 185 22.77 -1.51 5.00
C PRO A 185 21.74 -0.93 4.03
N THR A 186 20.47 -1.31 4.15
CA THR A 186 19.44 -0.86 3.23
C THR A 186 18.41 -0.02 3.98
N LEU A 187 17.54 0.63 3.20
CA LEU A 187 16.53 1.51 3.79
C LEU A 187 15.52 0.73 4.61
N LYS A 188 15.08 -0.42 4.10
CA LYS A 188 14.12 -1.23 4.85
C LYS A 188 14.75 -1.77 6.13
N GLU A 189 15.99 -2.27 6.04
CA GLU A 189 16.63 -2.86 7.22
C GLU A 189 16.75 -1.85 8.35
N ALA A 190 16.83 -0.56 8.03
CA ALA A 190 16.86 0.46 9.08
C ALA A 190 15.48 0.68 9.68
N ILE A 191 14.48 0.91 8.83
CA ILE A 191 13.11 1.09 9.30
C ILE A 191 12.67 -0.08 10.16
N ASP A 192 13.13 -1.28 9.84
CA ASP A 192 12.67 -2.48 10.54
C ASP A 192 13.40 -2.73 11.85
N MET A 193 14.57 -2.13 12.04
CA MET A 193 15.28 -2.24 13.30
C MET A 193 15.00 -1.09 14.25
N TYR A 194 14.08 -0.19 13.88
CA TYR A 194 13.79 0.98 14.69
C TYR A 194 12.95 0.58 15.90
N SER A 195 13.43 0.92 17.09
CA SER A 195 12.69 0.72 18.33
C SER A 195 12.77 1.99 19.16
N ILE A 196 11.63 2.40 19.72
CA ILE A 196 11.63 3.54 20.63
C ILE A 196 12.53 3.29 21.82
N GLN A 197 12.65 2.03 22.23
CA GLN A 197 13.41 1.65 23.42
C GLN A 197 14.92 1.60 23.18
N ASN A 198 15.38 1.81 21.95
CA ASN A 198 16.81 1.81 21.63
C ASN A 198 17.19 3.15 21.03
N PRO A 199 17.76 4.07 21.82
CA PRO A 199 18.05 5.41 21.29
C PRO A 199 19.02 5.40 20.13
N LYS A 200 19.83 4.36 19.99
CA LYS A 200 20.82 4.29 18.92
C LYS A 200 20.21 4.21 17.53
N THR A 201 18.89 4.17 17.41
CA THR A 201 18.22 3.97 16.13
C THR A 201 17.45 5.20 15.66
N TYR A 202 17.58 6.34 16.35
CA TYR A 202 16.81 7.50 15.93
C TYR A 202 17.34 8.76 16.59
N GLU A 203 17.19 9.87 15.88
CA GLU A 203 17.49 11.21 16.40
C GLU A 203 16.18 11.91 16.73
N ILE A 204 16.12 12.55 17.89
CA ILE A 204 14.90 13.24 18.33
C ILE A 204 14.96 14.69 17.86
N HIS A 205 13.91 15.12 17.17
CA HIS A 205 13.74 16.50 16.73
C HIS A 205 12.32 16.94 17.07
N THR A 206 12.09 18.25 16.97
CA THR A 206 10.76 18.79 17.22
C THR A 206 9.94 18.81 15.92
N LEU A 207 8.63 18.91 16.08
CA LEU A 207 7.74 18.87 14.92
C LEU A 207 8.03 20.03 13.97
N LYS A 208 8.35 21.20 14.50
CA LYS A 208 8.66 22.35 13.66
C LYS A 208 10.00 22.21 12.95
N GLU A 209 10.82 21.22 13.33
CA GLU A 209 12.05 20.91 12.60
C GLU A 209 11.79 20.21 11.28
N LEU A 210 10.54 19.79 11.03
CA LEU A 210 10.24 18.97 9.86
C LEU A 210 10.70 19.58 8.54
N PRO A 211 10.47 20.87 8.26
CA PRO A 211 10.87 21.41 6.94
C PRO A 211 12.33 21.17 6.60
N ASP A 212 13.21 21.19 7.59
CA ASP A 212 14.64 20.96 7.36
C ASP A 212 15.01 19.49 7.37
N LEU A 213 14.09 18.60 7.75
CA LEU A 213 14.37 17.18 7.86
C LEU A 213 13.97 16.40 6.61
N VAL A 214 12.78 16.67 6.07
CA VAL A 214 12.22 15.88 4.97
C VAL A 214 13.12 15.91 3.74
N PRO A 215 13.85 17.00 3.45
CA PRO A 215 14.71 16.99 2.26
C PRO A 215 16.00 16.22 2.41
N GLN A 216 16.36 15.78 3.62
CA GLN A 216 17.62 15.06 3.85
C GLN A 216 17.47 13.57 3.55
N ASN A 217 17.18 13.26 2.28
CA ASN A 217 17.00 11.88 1.87
C ASN A 217 18.32 11.12 1.76
N GLY A 218 19.45 11.80 1.86
CA GLY A 218 20.75 11.16 1.92
C GLY A 218 21.24 10.87 3.32
N LYS A 219 20.47 11.24 4.33
CA LYS A 219 20.83 11.02 5.73
C LYS A 219 19.81 10.19 6.48
N TYR A 220 18.53 10.39 6.23
CA TYR A 220 17.46 9.74 6.99
C TYR A 220 16.72 8.73 6.11
N ALA A 221 16.31 7.62 6.74
CA ALA A 221 15.54 6.60 6.05
C ALA A 221 14.04 6.81 6.19
N LEU A 222 13.60 7.24 7.37
CA LEU A 222 12.19 7.45 7.65
C LEU A 222 12.08 8.48 8.77
N LEU A 223 10.94 9.16 8.81
CA LEU A 223 10.63 10.12 9.86
C LEU A 223 9.37 9.67 10.59
N LYS A 224 9.54 9.20 11.83
CA LYS A 224 8.40 8.84 12.67
C LYS A 224 7.91 10.09 13.37
N ILE A 225 6.73 10.56 12.98
CA ILE A 225 6.14 11.77 13.55
C ILE A 225 5.03 11.36 14.52
N TYR A 226 5.23 11.69 15.79
CA TYR A 226 4.27 11.38 16.84
C TYR A 226 3.53 12.66 17.23
N ILE A 227 2.22 12.68 17.02
CA ILE A 227 1.41 13.87 17.23
C ILE A 227 0.25 13.55 18.17
N LYS A 228 -0.38 14.61 18.67
CA LYS A 228 -1.56 14.51 19.53
C LYS A 228 -2.67 15.35 18.91
N ASP A 229 -3.85 14.76 18.76
CA ASP A 229 -4.99 15.50 18.24
C ASP A 229 -5.60 16.38 19.33
N ARG A 232 -9.89 18.07 19.59
CA ARG A 232 -10.66 17.45 18.51
C ARG A 232 -11.35 16.18 18.99
N PRO A 233 -12.67 16.11 18.78
CA PRO A 233 -13.42 14.94 19.22
C PRO A 233 -12.89 13.66 18.57
N ALA A 234 -13.20 12.53 19.20
CA ALA A 234 -12.78 11.24 18.66
C ALA A 234 -13.58 10.86 17.42
N SER A 235 -14.82 11.36 17.31
CA SER A 235 -15.65 11.08 16.14
C SER A 235 -15.27 11.92 14.93
N THR A 236 -14.36 12.88 15.09
CA THR A 236 -13.90 13.69 13.97
C THR A 236 -12.48 13.38 13.54
N SER A 237 -11.61 12.97 14.46
CA SER A 237 -10.21 12.74 14.14
C SER A 237 -10.01 11.35 13.52
N LEU A 238 -9.01 11.26 12.64
CA LEU A 238 -8.72 10.03 11.92
C LEU A 238 -7.69 9.16 12.62
N LEU A 239 -6.63 9.78 13.16
CA LEU A 239 -5.57 9.00 13.79
C LEU A 239 -6.07 8.29 15.05
N ARG A 240 -6.78 9.01 15.90
CA ARG A 240 -7.24 8.49 17.19
C ARG A 240 -8.76 8.42 17.17
N ASN A 241 -9.31 7.21 17.03
CA ASN A 241 -10.74 7.00 17.02
C ASN A 241 -11.20 5.92 17.99
N GLY A 242 -10.30 5.17 18.60
CA GLY A 242 -10.65 4.17 19.59
C GLY A 242 -10.93 2.78 19.07
N THR A 243 -10.87 2.57 17.75
CA THR A 243 -11.22 1.28 17.16
C THR A 243 -10.08 0.66 16.38
N VAL A 244 -9.44 1.41 15.49
CA VAL A 244 -8.38 0.89 14.63
C VAL A 244 -7.20 1.84 14.68
N ASP A 245 -6.00 1.29 14.87
CA ASP A 245 -4.79 2.09 14.91
C ASP A 245 -4.32 2.36 13.48
N ILE A 246 -4.28 3.65 13.12
CA ILE A 246 -3.89 4.07 11.77
C ILE A 246 -2.59 4.86 11.87
N SER A 247 -1.77 4.72 10.82
CA SER A 247 -0.55 5.51 10.68
C SER A 247 -0.44 5.95 9.22
N LEU A 248 -0.43 7.27 9.00
CA LEU A 248 -0.29 7.81 7.66
C LEU A 248 1.19 7.88 7.28
N ILE A 249 1.49 7.53 6.04
CA ILE A 249 2.84 7.61 5.49
C ILE A 249 2.80 8.55 4.30
N ASP A 250 3.36 9.75 4.46
CA ASP A 250 3.53 10.69 3.36
C ASP A 250 4.70 10.24 2.51
N SER A 251 4.43 9.82 1.29
CA SER A 251 5.47 9.27 0.45
C SER A 251 6.28 10.38 -0.24
N PRO A 252 7.54 10.11 -0.55
CA PRO A 252 8.25 10.96 -1.51
C PRO A 252 7.64 10.80 -2.90
N GLY A 253 7.84 11.83 -3.73
CA GLY A 253 7.19 11.85 -5.02
C GLY A 253 7.77 10.83 -5.98
N LEU A 254 6.90 10.23 -6.79
CA LEU A 254 7.34 9.42 -7.91
C LEU A 254 7.96 10.31 -8.97
N ASN A 255 8.71 9.70 -9.89
CA ASN A 255 9.24 10.38 -11.06
C ASN A 255 10.34 11.39 -10.71
N MET A 256 11.01 11.20 -9.58
CA MET A 256 12.08 12.09 -9.15
C MET A 256 13.44 11.43 -9.36
N ASP A 257 13.75 10.37 -8.62
CA ASP A 257 15.03 9.69 -8.68
C ASP A 257 14.82 8.21 -8.96
N SER A 258 15.76 7.62 -9.72
CA SER A 258 15.68 6.19 -9.97
C SER A 258 15.68 5.40 -8.67
N LEU A 259 16.52 5.79 -7.71
CA LEU A 259 16.53 5.11 -6.42
C LEU A 259 15.28 5.41 -5.63
N GLN A 260 14.83 6.68 -5.63
CA GLN A 260 13.66 7.05 -4.85
C GLN A 260 12.40 6.32 -5.32
N THR A 261 12.26 6.14 -6.64
CA THR A 261 11.12 5.40 -7.16
C THR A 261 11.20 3.93 -6.76
N ALA A 262 12.40 3.36 -6.75
CA ALA A 262 12.56 1.99 -6.27
C ALA A 262 12.12 1.88 -4.82
N GLU A 263 12.38 2.92 -4.02
CA GLU A 263 11.96 2.91 -2.62
C GLU A 263 10.46 2.84 -2.49
N VAL A 264 9.74 3.67 -3.25
CA VAL A 264 8.29 3.75 -3.13
C VAL A 264 7.65 2.42 -3.52
N MET A 265 8.04 1.87 -4.67
CA MET A 265 7.47 0.61 -5.12
C MET A 265 7.72 -0.51 -4.10
N SER A 266 8.86 -0.46 -3.41
CA SER A 266 9.13 -1.44 -2.36
C SER A 266 8.20 -1.22 -1.17
N ARG A 267 8.19 -0.01 -0.62
CA ARG A 267 7.36 0.30 0.54
C ARG A 267 5.89 -0.05 0.33
N GLN A 268 5.47 -0.18 -0.92
CA GLN A 268 4.05 -0.37 -1.22
C GLN A 268 3.51 -1.67 -0.64
N GLU A 269 4.33 -2.72 -0.58
CA GLU A 269 3.85 -4.03 -0.14
C GLU A 269 3.92 -4.22 1.36
N GLU A 270 4.27 -3.18 2.12
CA GLU A 270 4.22 -3.23 3.58
C GLU A 270 3.11 -2.36 4.15
N ILE A 271 2.32 -1.72 3.29
CA ILE A 271 1.19 -0.91 3.71
C ILE A 271 -0.10 -1.60 3.26
N ASP A 272 -1.22 -1.18 3.85
CA ASP A 272 -2.51 -1.83 3.63
C ASP A 272 -3.40 -1.08 2.66
N LEU A 273 -3.38 0.26 2.67
CA LEU A 273 -4.30 1.06 1.89
C LEU A 273 -3.54 2.16 1.17
N VAL A 274 -3.83 2.34 -0.11
CA VAL A 274 -3.14 3.31 -0.96
C VAL A 274 -4.11 4.43 -1.31
N ILE A 275 -3.67 5.66 -1.12
CA ILE A 275 -4.35 6.86 -1.61
C ILE A 275 -3.44 7.45 -2.68
N PHE A 276 -3.76 7.22 -3.95
CA PHE A 276 -2.95 7.72 -5.05
C PHE A 276 -3.45 9.11 -5.46
N VAL A 277 -2.65 10.13 -5.16
CA VAL A 277 -3.00 11.50 -5.54
C VAL A 277 -2.61 11.72 -6.99
N VAL A 278 -3.46 12.44 -7.72
CA VAL A 278 -3.30 12.65 -9.15
C VAL A 278 -3.31 14.15 -9.43
N ASN A 279 -2.38 14.60 -10.25
CA ASN A 279 -2.37 15.99 -10.71
C ASN A 279 -3.42 16.15 -11.80
N ALA A 280 -4.45 16.95 -11.54
CA ALA A 280 -5.56 17.08 -12.47
C ALA A 280 -5.09 17.46 -13.86
N GLU A 281 -4.02 18.24 -13.97
CA GLU A 281 -3.59 18.74 -15.27
C GLU A 281 -2.89 17.67 -16.10
N ASN A 282 -2.21 16.72 -15.46
CA ASN A 282 -1.47 15.68 -16.17
C ASN A 282 -2.19 14.34 -16.21
N GLN A 283 -3.21 14.14 -15.36
CA GLN A 283 -3.90 12.87 -15.29
C GLN A 283 -2.98 11.79 -14.72
N LEU A 284 -3.11 10.56 -15.19
CA LEU A 284 -2.24 9.47 -14.76
C LEU A 284 -1.08 9.34 -15.74
N THR A 285 0.13 9.58 -15.26
CA THR A 285 1.32 9.58 -16.08
C THR A 285 1.96 8.19 -16.12
N LEU A 286 2.92 8.03 -17.03
CA LEU A 286 3.61 6.75 -17.13
C LEU A 286 4.26 6.36 -15.81
N SER A 287 4.84 7.33 -15.11
CA SER A 287 5.42 7.04 -13.79
C SER A 287 4.34 6.58 -12.82
N ALA A 288 3.15 7.17 -12.90
CA ALA A 288 2.05 6.75 -12.03
C ALA A 288 1.55 5.36 -12.41
N LYS A 289 1.35 5.12 -13.71
CA LYS A 289 0.79 3.84 -14.15
C LYS A 289 1.75 2.69 -13.83
N GLU A 290 3.06 2.91 -13.98
CA GLU A 290 4.02 1.87 -13.63
C GLU A 290 3.86 1.46 -12.16
N PHE A 291 3.58 2.44 -11.29
CA PHE A 291 3.34 2.11 -9.88
C PHE A 291 2.01 1.39 -9.69
N ILE A 292 0.93 1.98 -10.21
CA ILE A 292 -0.39 1.40 -10.01
C ILE A 292 -0.44 -0.03 -10.56
N SER A 293 0.07 -0.21 -11.78
CA SER A 293 0.11 -1.55 -12.37
C SER A 293 0.75 -2.55 -11.42
N LEU A 294 1.92 -2.20 -10.88
CA LEU A 294 2.60 -3.11 -9.95
C LEU A 294 1.85 -3.22 -8.64
N ALA A 295 1.18 -2.16 -8.20
CA ALA A 295 0.42 -2.20 -6.96
C ALA A 295 -0.89 -2.97 -7.12
N SER A 296 -1.47 -2.97 -8.32
CA SER A 296 -2.72 -3.70 -8.55
C SER A 296 -2.53 -5.21 -8.51
N ARG A 297 -1.30 -5.71 -8.38
CA ARG A 297 -1.09 -7.14 -8.26
C ARG A 297 -1.64 -7.69 -6.94
N GLU A 298 -1.89 -6.82 -5.98
CA GLU A 298 -2.50 -7.20 -4.72
C GLU A 298 -3.63 -6.28 -4.28
N LYS A 299 -3.59 -4.99 -4.63
CA LYS A 299 -4.58 -4.01 -4.20
C LYS A 299 -5.64 -3.88 -5.29
N LYS A 300 -6.69 -4.68 -5.16
CA LYS A 300 -7.83 -4.55 -6.06
C LYS A 300 -8.45 -3.17 -5.94
N LEU A 301 -8.63 -2.68 -4.72
CA LEU A 301 -9.23 -1.39 -4.44
C LEU A 301 -8.18 -0.42 -3.90
N MET A 302 -8.35 0.85 -4.24
CA MET A 302 -7.48 1.91 -3.75
C MET A 302 -8.08 3.25 -4.11
N PHE A 303 -7.75 4.27 -3.33
CA PHE A 303 -8.33 5.59 -3.50
C PHE A 303 -7.55 6.39 -4.55
N PHE A 304 -8.28 7.24 -5.27
CA PHE A 304 -7.69 8.18 -6.23
C PHE A 304 -8.17 9.57 -5.87
N VAL A 305 -7.26 10.43 -5.44
CA VAL A 305 -7.59 11.80 -5.07
C VAL A 305 -6.98 12.72 -6.12
N VAL A 306 -7.84 13.35 -6.91
CA VAL A 306 -7.42 14.31 -7.92
C VAL A 306 -7.34 15.68 -7.25
N LYS A 307 -6.14 16.26 -7.23
CA LYS A 307 -5.92 17.58 -6.68
C LYS A 307 -5.66 18.58 -7.81
N LYS A 308 -5.69 19.86 -7.45
CA LYS A 308 -5.53 20.94 -8.42
C LYS A 308 -6.57 20.86 -9.52
N PHE A 309 -7.74 20.28 -9.22
CA PHE A 309 -8.84 20.30 -10.18
C PHE A 309 -9.42 21.69 -10.36
N ASP A 310 -9.22 22.58 -9.38
CA ASP A 310 -9.72 23.94 -9.49
C ASP A 310 -9.01 24.74 -10.59
N LYS A 311 -7.79 24.34 -10.97
CA LYS A 311 -7.08 25.00 -12.05
C LYS A 311 -7.56 24.57 -13.43
N ILE A 312 -8.33 23.49 -13.53
CA ILE A 312 -8.71 22.94 -14.82
C ILE A 312 -9.77 23.82 -15.46
N ARG A 313 -9.59 24.10 -16.76
CA ARG A 313 -10.61 24.83 -17.52
C ARG A 313 -11.71 23.88 -17.98
N ASP A 314 -11.37 22.88 -18.79
CA ASP A 314 -12.32 21.90 -19.28
C ASP A 314 -12.46 20.81 -18.23
N LYS A 315 -13.26 21.12 -17.20
CA LYS A 315 -13.38 20.22 -16.06
C LYS A 315 -14.03 18.90 -16.44
N GLN A 316 -15.08 18.93 -17.26
CA GLN A 316 -15.76 17.70 -17.63
C GLN A 316 -14.85 16.81 -18.47
N ARG A 317 -14.25 17.35 -19.52
CA ARG A 317 -13.33 16.55 -20.33
C ARG A 317 -12.20 16.00 -19.48
N CYS A 318 -11.67 16.81 -18.57
CA CYS A 318 -10.59 16.34 -17.70
C CYS A 318 -11.06 15.22 -16.79
N LYS A 319 -12.28 15.32 -16.26
CA LYS A 319 -12.81 14.27 -15.40
C LYS A 319 -13.00 12.97 -16.18
N GLU A 320 -13.48 13.06 -17.41
CA GLU A 320 -13.71 11.86 -18.21
C GLU A 320 -12.40 11.21 -18.62
N LEU A 321 -11.33 11.98 -18.77
CA LEU A 321 -10.02 11.40 -19.07
C LEU A 321 -9.50 10.60 -17.89
N ILE A 322 -9.56 11.17 -16.69
CA ILE A 322 -9.08 10.48 -15.50
C ILE A 322 -9.85 9.19 -15.30
N LEU A 323 -11.18 9.27 -15.27
CA LEU A 323 -11.99 8.08 -15.02
C LEU A 323 -11.71 7.00 -16.05
N LYS A 324 -11.43 7.38 -17.30
CA LYS A 324 -11.10 6.39 -18.32
C LYS A 324 -9.87 5.59 -17.92
N GLN A 325 -8.91 6.22 -17.25
CA GLN A 325 -7.65 5.55 -16.91
C GLN A 325 -7.78 4.66 -15.68
N ILE A 326 -8.72 4.97 -14.79
CA ILE A 326 -8.91 4.12 -13.62
C ILE A 326 -9.63 2.83 -14.00
N ARG A 327 -10.51 2.90 -14.99
CA ARG A 327 -11.20 1.69 -15.45
C ARG A 327 -10.22 0.71 -16.07
N ASP A 328 -9.22 1.22 -16.80
CA ASP A 328 -8.23 0.34 -17.43
C ASP A 328 -7.15 -0.11 -16.45
N LEU A 329 -6.91 0.66 -15.39
CA LEU A 329 -5.84 0.37 -14.44
C LEU A 329 -6.32 -0.37 -13.20
N SER A 330 -7.45 0.03 -12.64
CA SER A 330 -8.02 -0.60 -11.44
C SER A 330 -9.50 -0.86 -11.69
N PRO A 331 -9.83 -1.81 -12.57
CA PRO A 331 -11.23 -2.04 -12.93
C PRO A 331 -12.18 -2.14 -11.75
N GLU A 332 -11.74 -2.71 -10.62
CA GLU A 332 -12.64 -2.82 -9.48
C GLU A 332 -12.85 -1.47 -8.81
N THR A 333 -11.84 -0.60 -8.81
CA THR A 333 -12.03 0.74 -8.26
C THR A 333 -13.01 1.55 -9.10
N TYR A 334 -13.07 1.29 -10.41
CA TYR A 334 -14.02 2.00 -11.26
C TYR A 334 -15.46 1.65 -10.92
N LYS A 335 -15.71 0.38 -10.58
CA LYS A 335 -17.08 -0.03 -10.25
C LYS A 335 -17.59 0.67 -9.00
N ARG A 336 -16.70 0.98 -8.05
CA ARG A 336 -17.05 1.74 -6.84
C ARG A 336 -16.43 3.14 -6.89
N ALA A 337 -16.54 3.81 -8.04
CA ALA A 337 -15.89 5.10 -8.20
C ALA A 337 -16.44 6.13 -7.21
N ALA A 338 -17.76 6.14 -7.01
CA ALA A 338 -18.34 7.11 -6.09
C ALA A 338 -17.70 7.04 -4.71
N ASP A 339 -17.17 5.89 -4.34
CA ASP A 339 -16.56 5.71 -3.02
C ASP A 339 -15.05 5.99 -3.02
N PHE A 340 -14.37 5.74 -4.13
CA PHE A 340 -12.91 5.69 -4.14
C PHE A 340 -12.25 6.75 -5.01
N VAL A 341 -13.01 7.50 -5.81
CA VAL A 341 -12.48 8.55 -6.66
C VAL A 341 -13.01 9.88 -6.14
N HIS A 342 -12.10 10.74 -5.70
CA HIS A 342 -12.47 12.01 -5.07
C HIS A 342 -11.67 13.15 -5.66
N PHE A 343 -12.30 14.31 -5.80
CA PHE A 343 -11.67 15.52 -6.32
C PHE A 343 -11.56 16.52 -5.18
N VAL A 344 -10.40 16.58 -4.55
CA VAL A 344 -10.15 17.42 -3.38
C VAL A 344 -9.17 18.52 -3.80
N SER A 345 -9.58 19.77 -3.58
CA SER A 345 -8.74 20.92 -3.91
C SER A 345 -8.08 21.55 -2.70
N LYS A 346 -8.46 21.15 -1.48
CA LYS A 346 -7.95 21.77 -0.28
C LYS A 346 -6.43 21.81 -0.29
N ASN A 347 -5.88 22.99 0.02
CA ASN A 347 -4.44 23.17 0.14
C ASN A 347 -4.20 24.39 1.03
N GLY A 348 -2.94 24.55 1.46
CA GLY A 348 -2.61 25.59 2.40
C GLY A 348 -1.92 26.80 1.80
N ASP A 349 -1.50 26.70 0.55
CA ASP A 349 -0.79 27.78 -0.13
C ASP A 349 -1.72 28.66 -0.96
N GLU A 350 -2.61 28.05 -1.75
CA GLU A 350 -3.54 28.82 -2.57
C GLU A 350 -4.73 29.28 -1.75
N LEU A 351 -5.33 30.38 -2.20
CA LEU A 351 -6.51 30.94 -1.53
C LEU A 351 -7.73 30.04 -1.72
N ASP A 371 -4.02 29.08 10.05
CA ASP A 371 -3.90 27.73 9.50
C ASP A 371 -5.14 27.39 8.67
N PRO A 372 -4.96 27.22 7.35
CA PRO A 372 -6.10 26.97 6.48
C PRO A 372 -6.81 25.66 6.74
N TYR A 373 -6.15 24.71 7.41
CA TYR A 373 -6.74 23.39 7.63
C TYR A 373 -7.63 23.33 8.85
N SER A 374 -7.48 24.25 9.79
CA SER A 374 -8.37 24.28 10.95
C SER A 374 -9.75 24.82 10.60
N SER A 375 -9.84 25.71 9.62
CA SER A 375 -11.11 26.35 9.28
C SER A 375 -12.18 25.31 8.99
N SER A 376 -13.32 25.46 9.65
CA SER A 376 -14.48 24.59 9.45
C SER A 376 -15.34 25.01 8.27
N ASP A 377 -14.80 25.84 7.38
CA ASP A 377 -15.57 26.26 6.22
C ASP A 377 -16.04 25.04 5.43
N PRO A 378 -17.22 25.13 4.80
CA PRO A 378 -17.78 23.95 4.13
C PRO A 378 -16.89 23.47 2.99
N ASP A 379 -16.55 22.18 3.02
CA ASP A 379 -15.74 21.55 1.99
C ASP A 379 -16.40 20.21 1.65
N PRO A 380 -17.46 20.23 0.84
CA PRO A 380 -18.16 18.97 0.54
C PRO A 380 -17.27 17.93 -0.12
N ASP A 381 -16.38 18.36 -1.02
CA ASP A 381 -15.50 17.41 -1.70
C ASP A 381 -14.64 16.63 -0.71
N PHE A 382 -13.95 17.35 0.18
CA PHE A 382 -13.08 16.68 1.14
C PHE A 382 -13.88 15.89 2.16
N ASP A 383 -14.95 16.48 2.70
CA ASP A 383 -15.78 15.77 3.67
C ASP A 383 -16.19 14.40 3.15
N SER A 384 -16.54 14.32 1.87
CA SER A 384 -16.98 13.05 1.30
C SER A 384 -15.82 12.04 1.28
N LEU A 385 -14.65 12.47 0.84
CA LEU A 385 -13.49 11.57 0.84
C LEU A 385 -13.19 11.07 2.25
N GLU A 386 -13.09 11.98 3.20
CA GLU A 386 -12.78 11.59 4.58
C GLU A 386 -13.81 10.61 5.12
N ASP A 387 -15.07 10.71 4.66
CA ASP A 387 -16.08 9.77 5.09
C ASP A 387 -15.82 8.38 4.52
N SER A 388 -15.63 8.29 3.20
CA SER A 388 -15.35 7.00 2.58
C SER A 388 -14.13 6.34 3.18
N LEU A 389 -13.08 7.14 3.46
CA LEU A 389 -11.89 6.59 4.08
C LEU A 389 -12.20 5.99 5.44
N ARG A 390 -12.95 6.72 6.27
CA ARG A 390 -13.35 6.18 7.56
C ARG A 390 -14.17 4.91 7.40
N ASN A 391 -15.19 4.95 6.53
CA ASN A 391 -16.03 3.78 6.31
C ASN A 391 -15.19 2.59 5.87
N PHE A 392 -14.27 2.80 4.94
CA PHE A 392 -13.47 1.69 4.41
C PHE A 392 -12.50 1.17 5.45
N VAL A 393 -11.78 2.07 6.12
CA VAL A 393 -10.73 1.63 7.04
C VAL A 393 -11.30 1.15 8.37
N LEU A 394 -12.44 1.70 8.80
CA LEU A 394 -13.00 1.41 10.11
C LEU A 394 -14.12 0.37 10.06
N LYS A 395 -15.09 0.55 9.17
CA LYS A 395 -16.28 -0.29 9.17
C LYS A 395 -16.18 -1.50 8.26
N LYS A 396 -15.27 -1.51 7.30
CA LYS A 396 -15.10 -2.66 6.42
C LYS A 396 -13.68 -3.21 6.51
N ARG A 397 -13.29 -3.69 7.69
CA ARG A 397 -11.94 -4.18 7.88
C ARG A 397 -11.66 -5.39 6.99
N SER A 398 -12.67 -6.22 6.71
CA SER A 398 -12.47 -7.36 5.83
C SER A 398 -11.95 -6.89 4.46
N LEU A 399 -12.59 -5.88 3.89
CA LEU A 399 -12.15 -5.36 2.60
C LEU A 399 -10.86 -4.55 2.73
N SER A 400 -10.80 -3.66 3.71
CA SER A 400 -9.70 -2.71 3.80
C SER A 400 -8.39 -3.41 4.14
N LYS A 401 -8.43 -4.42 5.00
CA LYS A 401 -7.21 -5.07 5.47
C LYS A 401 -6.88 -6.35 4.72
N LEU A 402 -7.87 -7.20 4.46
CA LEU A 402 -7.62 -8.55 3.98
C LEU A 402 -7.79 -8.72 2.47
N LEU A 403 -8.56 -7.86 1.81
CA LEU A 403 -8.71 -7.97 0.36
C LEU A 403 -7.39 -8.03 -0.37
N PRO A 404 -6.38 -7.21 -0.05
CA PRO A 404 -5.07 -7.35 -0.72
C PRO A 404 -4.50 -8.75 -0.62
N ALA A 405 -4.70 -9.43 0.51
CA ALA A 405 -4.16 -10.78 0.67
C ALA A 405 -4.91 -11.78 -0.22
N LYS A 406 -6.25 -11.75 -0.18
CA LYS A 406 -7.03 -12.64 -1.01
C LYS A 406 -6.73 -12.42 -2.49
N THR A 407 -6.61 -11.15 -2.91
CA THR A 407 -6.36 -10.86 -4.31
C THR A 407 -5.01 -11.38 -4.76
N TYR A 408 -3.97 -11.12 -3.97
CA TYR A 408 -2.62 -11.58 -4.34
C TYR A 408 -2.58 -13.10 -4.43
N LEU A 409 -3.09 -13.79 -3.41
CA LEU A 409 -3.08 -15.25 -3.41
C LEU A 409 -3.76 -15.79 -4.66
N SER A 410 -4.94 -15.26 -5.00
CA SER A 410 -5.67 -15.75 -6.15
C SER A 410 -4.90 -15.50 -7.45
N LYS A 411 -4.22 -14.36 -7.54
CA LYS A 411 -3.38 -14.09 -8.71
C LYS A 411 -2.24 -15.10 -8.79
N LEU A 412 -1.50 -15.26 -7.69
CA LEU A 412 -0.32 -16.12 -7.70
C LEU A 412 -0.70 -17.57 -7.98
N LEU A 413 -1.74 -18.08 -7.31
CA LEU A 413 -2.14 -19.46 -7.51
C LEU A 413 -2.49 -19.72 -8.97
N SER A 414 -3.19 -18.78 -9.61
CA SER A 414 -3.46 -18.92 -11.04
C SER A 414 -2.16 -19.10 -11.82
N ASP A 415 -1.12 -18.36 -11.46
CA ASP A 415 0.18 -18.51 -12.12
C ASP A 415 0.70 -19.93 -11.98
N ILE A 416 0.75 -20.43 -10.75
CA ILE A 416 1.25 -21.79 -10.53
C ILE A 416 0.43 -22.79 -11.33
N ILE A 417 -0.89 -22.63 -11.32
CA ILE A 417 -1.75 -23.55 -12.08
C ILE A 417 -1.36 -23.59 -13.54
N MET A 418 -1.12 -22.41 -14.14
CA MET A 418 -0.68 -22.37 -15.53
C MET A 418 0.64 -23.12 -15.71
N ILE A 419 1.58 -22.93 -14.79
CA ILE A 419 2.88 -23.56 -14.93
C ILE A 419 2.76 -25.08 -14.88
N SER A 420 2.06 -25.59 -13.86
CA SER A 420 1.84 -27.04 -13.78
C SER A 420 1.11 -27.57 -15.00
N LYS A 421 0.25 -26.75 -15.61
CA LYS A 421 -0.50 -27.19 -16.77
C LYS A 421 0.42 -27.52 -17.94
N SER A 422 1.31 -26.58 -18.29
CA SER A 422 2.20 -26.78 -19.43
C SER A 422 3.26 -27.85 -19.19
N ASN A 423 3.46 -28.27 -17.93
CA ASN A 423 4.55 -29.19 -17.61
C ASN A 423 4.12 -30.65 -17.55
N MET A 424 2.88 -30.94 -17.16
CA MET A 424 2.45 -32.32 -17.08
C MET A 424 2.13 -32.87 -18.46
N LYS A 425 2.35 -34.18 -18.62
CA LYS A 425 2.14 -34.86 -19.90
C LYS A 425 3.20 -34.48 -20.91
N MET A 426 3.29 -33.19 -21.23
CA MET A 426 4.29 -32.70 -22.18
C MET A 426 5.04 -31.50 -21.62
N ASN A 451 11.32 -36.30 -18.19
CA ASN A 451 11.40 -37.36 -17.18
C ASN A 451 10.08 -37.56 -16.48
N LEU A 452 9.83 -38.78 -16.01
CA LEU A 452 8.60 -39.07 -15.29
C LEU A 452 8.56 -38.35 -13.94
N LEU A 453 9.73 -38.10 -13.34
CA LEU A 453 9.77 -37.44 -12.04
C LEU A 453 9.07 -36.09 -12.08
N SER A 454 9.16 -35.38 -13.20
CA SER A 454 8.51 -34.08 -13.31
C SER A 454 7.01 -34.24 -13.57
N ILE A 455 6.61 -35.24 -14.35
CA ILE A 455 5.20 -35.47 -14.59
C ILE A 455 4.46 -35.69 -13.27
N LYS A 456 4.97 -36.60 -12.44
CA LYS A 456 4.34 -36.86 -11.16
C LYS A 456 4.36 -35.62 -10.26
N PHE A 457 5.47 -34.89 -10.26
CA PHE A 457 5.59 -33.74 -9.37
C PHE A 457 4.56 -32.67 -9.72
N PHE A 458 4.40 -32.36 -11.00
CA PHE A 458 3.53 -31.25 -11.38
C PHE A 458 2.05 -31.63 -11.34
N GLN A 459 1.71 -32.88 -11.62
CA GLN A 459 0.34 -33.32 -11.40
C GLN A 459 -0.05 -33.18 -9.93
N SER A 460 0.85 -33.58 -9.02
CA SER A 460 0.61 -33.41 -7.60
C SER A 460 0.44 -31.94 -7.23
N LEU A 461 1.14 -31.05 -7.93
CA LEU A 461 1.09 -29.63 -7.63
C LEU A 461 -0.10 -28.94 -8.30
N TYR A 462 -0.49 -29.41 -9.49
CA TYR A 462 -1.68 -28.86 -10.13
C TYR A 462 -2.93 -29.15 -9.31
N GLU A 463 -3.13 -30.42 -8.94
CA GLU A 463 -4.28 -30.79 -8.13
C GLU A 463 -4.24 -30.13 -6.76
N GLY A 464 -3.04 -29.82 -6.25
CA GLY A 464 -2.91 -29.22 -4.95
C GLY A 464 -3.24 -27.74 -4.93
N THR A 465 -2.87 -27.03 -6.00
CA THR A 465 -3.09 -25.59 -6.06
C THR A 465 -4.48 -25.24 -6.59
N VAL A 466 -4.99 -26.00 -7.54
CA VAL A 466 -6.38 -25.83 -7.97
C VAL A 466 -7.30 -25.91 -6.76
N ALA A 467 -7.11 -26.94 -5.93
CA ALA A 467 -7.89 -27.07 -4.71
C ALA A 467 -7.72 -25.86 -3.81
N GLN A 468 -6.49 -25.37 -3.66
CA GLN A 468 -6.24 -24.22 -2.80
C GLN A 468 -6.92 -22.97 -3.35
N LYS A 469 -6.77 -22.72 -4.65
CA LYS A 469 -7.39 -21.53 -5.24
C LYS A 469 -8.91 -21.57 -5.11
N LEU A 470 -9.50 -22.76 -5.05
CA LEU A 470 -10.94 -22.85 -4.83
C LEU A 470 -11.30 -22.42 -3.42
N MET A 471 -10.48 -22.77 -2.44
CA MET A 471 -10.75 -22.36 -1.06
C MET A 471 -10.59 -20.86 -0.90
N VAL A 472 -9.61 -20.26 -1.57
CA VAL A 472 -9.41 -18.82 -1.49
C VAL A 472 -10.63 -18.07 -1.98
N GLU A 473 -11.21 -18.52 -3.10
CA GLU A 473 -12.38 -17.85 -3.66
C GLU A 473 -13.61 -18.01 -2.77
N GLU A 474 -13.67 -19.06 -1.96
CA GLU A 474 -14.79 -19.21 -1.04
C GLU A 474 -14.75 -18.19 0.08
N ILE A 475 -13.58 -17.64 0.38
CA ILE A 475 -13.48 -16.59 1.40
C ILE A 475 -14.27 -15.38 0.92
N ASN A 476 -15.32 -15.03 1.67
CA ASN A 476 -16.16 -13.89 1.33
C ASN A 476 -15.79 -12.70 2.21
N LEU A 477 -15.36 -11.61 1.58
CA LEU A 477 -14.97 -10.40 2.29
C LEU A 477 -15.97 -9.27 2.13
N ASP A 478 -16.97 -9.43 1.27
CA ASP A 478 -17.99 -8.40 1.06
C ASP A 478 -19.22 -8.74 1.90
N ILE A 479 -19.03 -8.62 3.22
CA ILE A 479 -20.09 -8.92 4.17
C ILE A 479 -20.21 -7.79 5.19
PG GTP B . 6.68 16.51 -3.07
O1G GTP B . 7.11 15.25 -3.70
O2G GTP B . 7.85 17.39 -3.13
O3G GTP B . 6.52 16.17 -1.63
O3B GTP B . 5.29 17.17 -3.76
PB GTP B . 3.78 16.97 -3.05
O1B GTP B . 3.04 15.87 -3.66
O2B GTP B . 3.91 16.51 -1.66
O3A GTP B . 2.93 18.40 -3.12
PA GTP B . 2.71 19.31 -1.75
O1A GTP B . 2.01 18.55 -0.70
O2A GTP B . 3.98 19.64 -1.12
O5' GTP B . 1.85 20.70 -2.11
C5' GTP B . 1.79 21.06 -3.46
C4' GTP B . 1.67 22.51 -3.62
O4' GTP B . 0.68 22.67 -4.73
C3' GTP B . 1.14 23.21 -2.43
O3' GTP B . 1.90 24.47 -2.33
C2' GTP B . -0.26 23.50 -2.67
O2' GTP B . -0.53 24.87 -2.34
C1' GTP B . -0.56 23.21 -4.13
N9 GTP B . -1.67 22.33 -4.19
C8 GTP B . -1.68 21.09 -3.71
N7 GTP B . -2.91 20.51 -3.90
C5 GTP B . -3.68 21.60 -4.58
C6 GTP B . -5.01 21.68 -5.08
O6 GTP B . -5.87 20.58 -4.95
N1 GTP B . -5.45 22.84 -5.67
C2 GTP B . -4.53 23.98 -5.78
N2 GTP B . -5.00 25.20 -6.41
N3 GTP B . -3.17 23.96 -5.31
C4 GTP B . -2.84 22.73 -4.73
H5' GTP B . 0.94 20.60 -3.89
H5'' GTP B . 2.66 20.73 -3.95
H4' GTP B . 2.66 22.96 -3.81
H3' GTP B . 1.23 22.63 -1.53
HO3' GTP B . 2.22 24.59 -1.43
H2' GTP B . -0.91 22.84 -2.04
HO2' GTP B . -0.87 24.91 -1.44
H1' GTP B . -0.79 24.10 -4.70
H8 GTP B . -0.86 20.62 -3.25
HN1 GTP B . -6.41 22.92 -6.03
HN21 GTP B . -4.47 26.05 -6.30
HN22 GTP B . -5.84 25.20 -6.96
MG MG C . 5.47 16.62 0.06
K K D . 6.32 19.94 -3.17
#